data_5NRV
#
_entry.id   5NRV
#
_cell.length_a   73.550
_cell.length_b   73.550
_cell.length_c   155.300
_cell.angle_alpha   90.000
_cell.angle_beta   90.000
_cell.angle_gamma   120.000
#
_symmetry.space_group_name_H-M   'P 32 2 1'
#
loop_
_entity.id
_entity.type
_entity.pdbx_description
1 polymer 'DNA (cytosine-5)-methyltransferase 3B'
2 non-polymer 6-dipropylamino-1-hexanol
3 non-polymer 'SULFATE ION'
4 water water
#
_entity_poly.entity_id   1
_entity_poly.type   'polypeptide(L)'
_entity_poly.pdbx_seq_one_letter_code
;EADSGDGDSSEYQDGKEFGIGDLVWGKIKGFSWWPAMVVSWKATSKRQAMSGMRWVQWFGDGKFSEVSADKLVALGLFSQ
HFNLATFNKLVSYRKAMYHALEKARVRAGKTFPSSPGDSLEDQLKPMLEWAHGGFKPTGIEGLKPNNTQP
;
_entity_poly.pdbx_strand_id   D,A
#
# COMPACT_ATOMS: atom_id res chain seq x y z
N GLU A 11 -1.85 -14.87 -1.84
CA GLU A 11 -1.71 -13.47 -1.40
C GLU A 11 -0.80 -12.70 -2.35
N TYR A 12 -1.22 -11.46 -2.68
CA TYR A 12 -0.48 -10.58 -3.58
C TYR A 12 -0.48 -11.06 -5.02
N GLN A 13 -1.59 -11.63 -5.45
CA GLN A 13 -1.76 -12.10 -6.82
C GLN A 13 -2.49 -11.06 -7.65
N ASP A 14 -1.89 -9.88 -7.77
CA ASP A 14 -2.55 -8.77 -8.45
C ASP A 14 -1.79 -8.31 -9.71
N GLY A 15 -0.75 -9.05 -10.06
CA GLY A 15 0.03 -8.75 -11.25
C GLY A 15 1.03 -7.61 -11.06
N LYS A 16 1.36 -7.32 -9.80
CA LYS A 16 2.35 -6.30 -9.47
C LYS A 16 3.58 -6.95 -8.85
N GLU A 17 4.67 -6.20 -8.80
CA GLU A 17 5.95 -6.70 -8.31
C GLU A 17 5.91 -6.96 -6.79
N PHE A 18 6.90 -7.70 -6.30
CA PHE A 18 7.15 -7.90 -4.87
C PHE A 18 6.24 -8.91 -4.17
N GLY A 19 6.86 -9.82 -3.44
CA GLY A 19 6.14 -10.80 -2.65
C GLY A 19 6.73 -10.91 -1.26
N ILE A 20 6.14 -11.79 -0.46
CA ILE A 20 6.50 -11.94 0.95
C ILE A 20 8.00 -12.17 1.16
N GLY A 21 8.60 -11.44 2.10
CA GLY A 21 10.02 -11.58 2.39
C GLY A 21 10.95 -10.66 1.60
N ASP A 22 10.46 -10.04 0.52
CA ASP A 22 11.28 -9.14 -0.26
C ASP A 22 11.75 -7.94 0.56
N LEU A 23 13.01 -7.57 0.38
CA LEU A 23 13.60 -6.42 1.01
C LEU A 23 13.45 -5.25 0.05
N VAL A 24 12.82 -4.19 0.53
CA VAL A 24 12.43 -3.10 -0.36
C VAL A 24 12.75 -1.76 0.29
N TRP A 25 12.75 -0.71 -0.53
CA TRP A 25 12.66 0.64 -0.01
C TRP A 25 11.21 1.00 -0.19
N GLY A 26 10.58 1.61 0.80
CA GLY A 26 9.20 2.01 0.65
C GLY A 26 9.10 3.51 0.85
N LYS A 27 8.19 4.15 0.13
CA LYS A 27 8.05 5.60 0.22
C LYS A 27 6.66 5.96 0.72
N ILE A 28 6.60 6.59 1.88
CA ILE A 28 5.35 7.15 2.38
C ILE A 28 5.55 8.63 2.71
N LYS A 29 4.43 9.34 2.89
CA LYS A 29 4.50 10.80 3.05
C LYS A 29 5.22 11.24 4.32
N GLY A 30 6.09 12.23 4.19
CA GLY A 30 6.81 12.76 5.34
C GLY A 30 8.11 12.04 5.67
N PHE A 31 8.44 11.00 4.91
CA PHE A 31 9.64 10.21 5.19
C PHE A 31 10.47 9.98 3.92
N SER A 32 11.79 9.93 4.08
CA SER A 32 12.66 9.47 3.01
C SER A 32 12.28 8.04 2.62
N TRP A 33 12.71 7.60 1.45
CA TRP A 33 12.64 6.18 1.12
C TRP A 33 13.20 5.40 2.32
N TRP A 34 12.49 4.38 2.77
CA TRP A 34 12.85 3.72 4.02
C TRP A 34 12.87 2.20 3.83
N PRO A 35 13.87 1.49 4.40
CA PRO A 35 13.94 0.06 4.12
C PRO A 35 12.87 -0.68 4.86
N ALA A 36 12.38 -1.77 4.27
CA ALA A 36 11.26 -2.51 4.81
C ALA A 36 11.32 -3.93 4.28
N MET A 37 10.49 -4.78 4.86
CA MET A 37 10.34 -6.13 4.33
C MET A 37 8.88 -6.34 4.03
N VAL A 38 8.58 -6.88 2.85
CA VAL A 38 7.20 -7.24 2.52
C VAL A 38 6.80 -8.42 3.40
N VAL A 39 5.63 -8.32 4.04
CA VAL A 39 5.12 -9.38 4.92
C VAL A 39 3.72 -9.78 4.51
N SER A 40 3.26 -10.92 5.03
CA SER A 40 1.88 -11.32 4.81
C SER A 40 1.00 -10.44 5.66
N TRP A 41 -0.24 -10.22 5.24
CA TRP A 41 -1.16 -9.47 6.08
C TRP A 41 -1.34 -10.14 7.44
N LYS A 42 -1.13 -11.45 7.49
CA LYS A 42 -1.31 -12.19 8.73
C LYS A 42 -0.29 -11.79 9.79
N ALA A 43 0.84 -11.26 9.35
CA ALA A 43 1.85 -10.80 10.30
C ALA A 43 1.40 -9.52 10.99
N THR A 44 0.41 -8.84 10.39
CA THR A 44 0.08 -7.46 10.78
C THR A 44 -0.97 -7.33 11.87
N SER A 45 -1.77 -8.38 12.06
CA SER A 45 -2.92 -8.32 12.96
C SER A 45 -3.91 -7.25 12.48
N LYS A 46 -3.90 -6.95 11.18
CA LYS A 46 -4.79 -5.94 10.65
C LYS A 46 -5.81 -6.50 9.67
N ARG A 47 -5.50 -6.46 8.38
CA ARG A 47 -6.43 -6.88 7.33
C ARG A 47 -5.63 -7.18 6.07
N GLN A 48 -6.23 -7.89 5.12
CA GLN A 48 -5.65 -8.06 3.79
C GLN A 48 -5.36 -6.72 3.11
N ALA A 49 -4.19 -6.63 2.48
CA ALA A 49 -3.83 -5.44 1.73
C ALA A 49 -4.77 -5.27 0.55
N MET A 50 -5.04 -4.03 0.13
CA MET A 50 -5.82 -3.82 -1.08
C MET A 50 -5.00 -4.33 -2.26
N SER A 51 -5.69 -4.89 -3.26
CA SER A 51 -5.08 -5.35 -4.49
C SER A 51 -4.17 -4.23 -4.99
N GLY A 52 -2.97 -4.56 -5.45
CA GLY A 52 -2.05 -3.55 -5.92
C GLY A 52 -1.17 -2.99 -4.80
N MET A 53 -1.45 -3.40 -3.57
CA MET A 53 -0.68 -2.92 -2.43
C MET A 53 -0.01 -4.08 -1.71
N ARG A 54 0.94 -3.75 -0.84
CA ARG A 54 1.68 -4.73 -0.05
C ARG A 54 1.75 -4.24 1.38
N TRP A 55 1.63 -5.15 2.34
CA TRP A 55 2.05 -4.83 3.68
C TRP A 55 3.56 -4.87 3.73
N VAL A 56 4.15 -3.83 4.28
CA VAL A 56 5.58 -3.87 4.54
C VAL A 56 5.78 -3.61 6.01
N GLN A 57 6.87 -4.13 6.55
CA GLN A 57 7.23 -3.85 7.93
C GLN A 57 8.52 -3.07 7.85
N TRP A 58 8.54 -1.89 8.45
CA TRP A 58 9.68 -1.00 8.33
C TRP A 58 10.82 -1.47 9.24
N PHE A 59 12.04 -1.50 8.73
CA PHE A 59 13.19 -1.78 9.59
C PHE A 59 13.35 -0.59 10.51
N GLY A 60 13.86 -0.83 11.71
CA GLY A 60 14.07 0.26 12.65
C GLY A 60 12.96 0.38 13.67
N ASP A 61 11.71 0.39 13.23
CA ASP A 61 10.62 0.47 14.21
C ASP A 61 9.65 -0.69 14.16
N GLY A 62 9.74 -1.53 13.13
CA GLY A 62 8.93 -2.74 13.11
C GLY A 62 7.45 -2.50 12.87
N LYS A 63 7.08 -1.29 12.49
CA LYS A 63 5.69 -0.99 12.18
C LYS A 63 5.25 -1.45 10.80
N PHE A 64 3.95 -1.66 10.65
CA PHE A 64 3.38 -2.12 9.40
C PHE A 64 2.68 -0.98 8.64
N SER A 65 2.95 -0.86 7.34
CA SER A 65 2.22 0.09 6.51
C SER A 65 1.73 -0.64 5.28
N GLU A 66 0.57 -0.24 4.79
CA GLU A 66 0.05 -0.74 3.52
C GLU A 66 0.51 0.24 2.45
N VAL A 67 1.32 -0.25 1.52
CA VAL A 67 2.00 0.61 0.57
C VAL A 67 1.76 0.10 -0.84
N SER A 68 1.44 1.01 -1.76
CA SER A 68 1.24 0.61 -3.15
C SER A 68 2.52 -0.02 -3.66
N ALA A 69 2.39 -1.08 -4.46
CA ALA A 69 3.56 -1.77 -4.98
C ALA A 69 4.37 -0.86 -5.89
N ASP A 70 3.77 0.25 -6.31
CA ASP A 70 4.44 1.21 -7.19
C ASP A 70 5.25 2.25 -6.41
N LYS A 71 5.05 2.28 -5.09
CA LYS A 71 5.88 3.09 -4.21
C LYS A 71 6.85 2.19 -3.45
N LEU A 72 7.16 1.03 -4.03
CA LEU A 72 8.20 0.12 -3.54
C LEU A 72 9.24 -0.12 -4.61
N VAL A 73 10.49 -0.23 -4.20
CA VAL A 73 11.56 -0.66 -5.09
C VAL A 73 12.44 -1.63 -4.31
N ALA A 74 13.18 -2.48 -5.03
CA ALA A 74 14.06 -3.47 -4.42
C ALA A 74 15.11 -2.75 -3.59
N LEU A 75 15.35 -3.26 -2.38
CA LEU A 75 16.40 -2.70 -1.52
C LEU A 75 17.73 -2.73 -2.26
N GLY A 76 17.88 -3.72 -3.14
CA GLY A 76 19.10 -3.90 -3.92
C GLY A 76 19.46 -2.69 -4.76
N LEU A 77 18.45 -1.92 -5.17
CA LEU A 77 18.70 -0.62 -5.79
C LEU A 77 19.06 0.39 -4.69
N PHE A 78 20.21 0.18 -4.08
CA PHE A 78 20.55 0.85 -2.83
C PHE A 78 21.03 2.29 -3.01
N SER A 79 22.06 2.49 -3.82
CA SER A 79 22.67 3.81 -3.92
C SER A 79 21.65 4.80 -4.45
N GLN A 80 20.75 4.31 -5.29
CA GLN A 80 19.69 5.14 -5.85
C GLN A 80 18.74 5.69 -4.78
N HIS A 81 18.40 4.88 -3.78
CA HIS A 81 17.40 5.33 -2.82
C HIS A 81 17.95 5.65 -1.44
N PHE A 82 19.19 5.23 -1.16
CA PHE A 82 19.83 5.64 0.09
C PHE A 82 19.85 7.16 0.16
N ASN A 83 19.46 7.70 1.31
CA ASN A 83 19.41 9.15 1.44
C ASN A 83 20.48 9.58 2.42
N LEU A 84 21.55 10.16 1.91
CA LEU A 84 22.69 10.46 2.78
C LEU A 84 22.33 11.53 3.82
N ALA A 85 21.51 12.51 3.44
CA ALA A 85 21.13 13.56 4.39
C ALA A 85 20.38 12.94 5.56
N THR A 86 19.40 12.10 5.24
CA THR A 86 18.62 11.45 6.28
C THR A 86 19.52 10.59 7.15
N PHE A 87 20.45 9.87 6.53
CA PHE A 87 21.40 9.05 7.27
C PHE A 87 22.20 9.88 8.28
N ASN A 88 22.71 11.03 7.85
CA ASN A 88 23.50 11.87 8.75
C ASN A 88 22.64 12.51 9.84
N LYS A 89 21.38 12.78 9.49
CA LYS A 89 20.46 13.49 10.37
C LYS A 89 19.73 12.62 11.41
N LEU A 90 19.28 11.44 11.02
CA LEU A 90 18.42 10.64 11.92
C LEU A 90 19.06 9.34 12.38
N VAL A 91 19.22 9.18 13.69
CA VAL A 91 19.74 7.92 14.21
C VAL A 91 18.76 6.76 13.93
N SER A 92 17.47 7.06 13.85
CA SER A 92 16.49 6.02 13.55
C SER A 92 16.75 5.43 12.15
N TYR A 93 17.12 6.29 11.21
CA TYR A 93 17.44 5.85 9.86
C TYR A 93 18.72 5.04 9.88
N ARG A 94 19.68 5.43 10.71
CA ARG A 94 20.93 4.67 10.79
C ARG A 94 20.67 3.30 11.38
N LYS A 95 19.80 3.25 12.39
CA LYS A 95 19.46 1.97 12.99
C LYS A 95 18.71 1.09 12.00
N ALA A 96 17.79 1.70 11.25
CA ALA A 96 17.06 0.97 10.21
C ALA A 96 17.99 0.40 9.15
N MET A 97 18.99 1.20 8.73
CA MET A 97 20.00 0.73 7.79
C MET A 97 20.72 -0.50 8.35
N TYR A 98 21.08 -0.44 9.63
CA TYR A 98 21.77 -1.56 10.25
C TYR A 98 20.92 -2.82 10.19
N HIS A 99 19.68 -2.73 10.64
CA HIS A 99 18.82 -3.91 10.65
C HIS A 99 18.51 -4.41 9.24
N ALA A 100 18.27 -3.48 8.31
CA ALA A 100 17.97 -3.87 6.94
C ALA A 100 19.17 -4.61 6.34
N LEU A 101 20.36 -4.02 6.46
CA LEU A 101 21.55 -4.57 5.83
C LEU A 101 22.04 -5.87 6.49
N GLU A 102 21.82 -6.00 7.80
CA GLU A 102 22.15 -7.24 8.49
C GLU A 102 21.31 -8.39 7.94
N LYS A 103 20.03 -8.10 7.70
CA LYS A 103 19.15 -9.08 7.07
C LYS A 103 19.63 -9.41 5.65
N ALA A 104 20.00 -8.38 4.90
CA ALA A 104 20.51 -8.56 3.54
C ALA A 104 21.79 -9.40 3.58
N ARG A 105 22.64 -9.10 4.55
CA ARG A 105 23.96 -9.68 4.64
C ARG A 105 23.85 -11.18 4.89
N VAL A 106 23.03 -11.55 5.87
CA VAL A 106 22.82 -12.97 6.17
C VAL A 106 22.20 -13.69 4.98
N ARG A 107 21.22 -13.07 4.34
CA ARG A 107 20.63 -13.70 3.15
C ARG A 107 21.61 -13.89 2.00
N ALA A 108 22.55 -12.95 1.87
CA ALA A 108 23.52 -12.98 0.77
C ALA A 108 24.69 -13.92 1.04
N GLY A 109 24.83 -14.31 2.31
CA GLY A 109 25.93 -15.17 2.68
C GLY A 109 27.21 -14.37 2.76
N LYS A 110 27.07 -13.07 3.06
CA LYS A 110 28.20 -12.16 3.14
C LYS A 110 28.74 -12.05 4.56
N THR A 111 30.06 -11.92 4.70
CA THR A 111 30.67 -11.73 6.01
C THR A 111 31.65 -10.55 6.04
N PHE A 112 31.69 -9.83 7.15
CA PHE A 112 32.64 -8.75 7.39
C PHE A 112 33.35 -8.95 8.73
N PRO A 113 34.61 -8.48 8.85
CA PRO A 113 35.32 -8.41 10.14
C PRO A 113 34.62 -7.49 11.14
N ASP A 118 32.63 -2.12 19.21
CA ASP A 118 32.13 -1.79 17.88
C ASP A 118 30.80 -1.03 17.93
N SER A 119 30.87 0.29 17.75
CA SER A 119 29.67 1.13 17.79
C SER A 119 28.70 0.78 16.66
N LEU A 120 27.53 1.41 16.68
CA LEU A 120 26.56 1.27 15.60
C LEU A 120 27.23 1.59 14.27
N GLU A 121 27.73 2.81 14.17
CA GLU A 121 28.34 3.28 12.93
C GLU A 121 29.58 2.46 12.54
N ASP A 122 30.19 1.78 13.52
CA ASP A 122 31.36 0.94 13.27
C ASP A 122 30.97 -0.34 12.53
N GLN A 123 29.84 -0.92 12.92
CA GLN A 123 29.36 -2.15 12.30
C GLN A 123 28.70 -1.84 10.96
N LEU A 124 28.04 -0.67 10.90
CA LEU A 124 27.38 -0.22 9.69
C LEU A 124 28.36 -0.02 8.54
N LYS A 125 29.54 0.52 8.86
CA LYS A 125 30.49 0.98 7.84
C LYS A 125 30.76 -0.02 6.71
N PRO A 126 31.14 -1.27 7.02
CA PRO A 126 31.38 -2.17 5.89
C PRO A 126 30.09 -2.65 5.24
N MET A 127 28.99 -2.70 5.99
CA MET A 127 27.72 -3.14 5.40
C MET A 127 27.22 -2.10 4.39
N LEU A 128 27.40 -0.81 4.73
CA LEU A 128 27.03 0.28 3.82
C LEU A 128 27.91 0.30 2.57
N GLU A 129 29.23 0.19 2.75
CA GLU A 129 30.16 0.08 1.63
C GLU A 129 29.74 -1.07 0.72
N TRP A 130 29.41 -2.20 1.33
CA TRP A 130 28.94 -3.38 0.59
C TRP A 130 27.68 -3.04 -0.22
N ALA A 131 26.68 -2.51 0.48
CA ALA A 131 25.39 -2.21 -0.15
C ALA A 131 25.56 -1.13 -1.21
N HIS A 132 26.31 -0.08 -0.86
CA HIS A 132 26.46 1.04 -1.77
C HIS A 132 27.24 0.59 -3.02
N GLY A 133 28.16 -0.36 -2.85
CA GLY A 133 28.94 -0.89 -3.96
C GLY A 133 28.21 -1.92 -4.81
N GLY A 134 26.96 -2.22 -4.50
CA GLY A 134 26.21 -3.15 -5.31
C GLY A 134 26.18 -4.58 -4.79
N PHE A 135 26.39 -4.74 -3.48
CA PHE A 135 26.22 -6.05 -2.83
C PHE A 135 27.10 -7.14 -3.45
N LYS A 136 28.37 -6.81 -3.71
CA LYS A 136 29.33 -7.78 -4.26
C LYS A 136 29.74 -8.82 -3.23
N PRO A 137 29.94 -10.10 -3.65
CA PRO A 137 29.93 -10.61 -5.02
C PRO A 137 28.59 -11.12 -5.55
N THR A 138 27.56 -11.24 -4.71
CA THR A 138 26.30 -11.83 -5.17
C THR A 138 25.51 -10.92 -6.07
N GLY A 139 25.66 -9.62 -5.88
CA GLY A 139 24.76 -8.69 -6.54
C GLY A 139 23.42 -8.77 -5.84
N ILE A 140 22.42 -8.08 -6.37
CA ILE A 140 21.15 -7.97 -5.67
C ILE A 140 20.39 -9.30 -5.56
N GLU A 141 20.80 -10.27 -6.37
CA GLU A 141 20.18 -11.60 -6.36
C GLU A 141 20.31 -12.26 -4.99
N GLY A 142 21.40 -11.98 -4.30
CA GLY A 142 21.63 -12.57 -2.99
C GLY A 142 20.69 -12.07 -1.89
N LEU A 143 19.90 -11.04 -2.21
CA LEU A 143 19.00 -10.45 -1.21
C LEU A 143 17.65 -11.14 -1.19
N LYS A 144 17.44 -12.04 -2.15
CA LYS A 144 16.18 -12.79 -2.24
C LYS A 144 15.92 -13.59 -0.96
N PRO A 145 14.64 -13.75 -0.60
CA PRO A 145 14.28 -14.49 0.62
C PRO A 145 14.40 -16.03 0.44
N GLU B 11 -13.69 -12.18 -17.58
CA GLU B 11 -13.31 -11.15 -16.63
C GLU B 11 -12.68 -9.96 -17.32
N TYR B 12 -13.44 -8.87 -17.48
CA TYR B 12 -14.86 -8.85 -17.11
C TYR B 12 -15.75 -8.59 -18.32
N ASP B 14 -18.54 -9.39 -19.76
CA ASP B 14 -19.94 -9.81 -19.76
C ASP B 14 -20.88 -8.74 -20.29
N GLY B 15 -20.31 -7.62 -20.74
CA GLY B 15 -21.09 -6.53 -21.28
C GLY B 15 -21.29 -5.40 -20.28
N LYS B 16 -21.38 -5.77 -19.00
CA LYS B 16 -21.70 -4.82 -17.92
C LYS B 16 -20.56 -3.84 -17.58
N GLU B 17 -20.84 -2.97 -16.61
CA GLU B 17 -19.96 -1.84 -16.29
C GLU B 17 -18.78 -2.24 -15.38
N PHE B 18 -17.79 -1.35 -15.27
CA PHE B 18 -16.70 -1.45 -14.28
C PHE B 18 -15.66 -2.53 -14.56
N GLY B 19 -14.39 -2.13 -14.53
CA GLY B 19 -13.30 -3.07 -14.68
C GLY B 19 -12.29 -3.02 -13.54
N ILE B 20 -11.31 -3.92 -13.58
CA ILE B 20 -10.27 -4.02 -12.55
C ILE B 20 -9.65 -2.67 -12.20
N GLY B 21 -9.58 -2.37 -10.90
CA GLY B 21 -9.00 -1.11 -10.46
C GLY B 21 -9.98 0.02 -10.22
N ASP B 22 -11.18 -0.05 -10.78
CA ASP B 22 -12.16 1.04 -10.59
C ASP B 22 -12.51 1.18 -9.12
N LEU B 23 -12.60 2.42 -8.66
CA LEU B 23 -13.05 2.74 -7.32
C LEU B 23 -14.56 2.93 -7.35
N VAL B 24 -15.28 2.22 -6.49
CA VAL B 24 -16.73 2.22 -6.56
C VAL B 24 -17.37 2.29 -5.18
N TRP B 25 -18.64 2.62 -5.12
CA TRP B 25 -19.44 2.25 -3.97
C TRP B 25 -20.17 0.98 -4.36
N GLY B 26 -20.21 0.02 -3.45
CA GLY B 26 -21.00 -1.18 -3.66
C GLY B 26 -22.04 -1.36 -2.56
N LYS B 27 -23.17 -1.93 -2.92
CA LYS B 27 -24.26 -2.10 -1.95
C LYS B 27 -24.52 -3.58 -1.75
N ILE B 28 -24.31 -4.06 -0.53
CA ILE B 28 -24.78 -5.39 -0.15
C ILE B 28 -25.68 -5.31 1.08
N LYS B 29 -26.51 -6.34 1.25
CA LYS B 29 -27.46 -6.45 2.34
C LYS B 29 -26.85 -6.19 3.72
N GLY B 30 -27.50 -5.31 4.50
CA GLY B 30 -27.07 -5.04 5.85
C GLY B 30 -26.07 -3.91 5.99
N PHE B 31 -25.71 -3.28 4.87
CA PHE B 31 -24.68 -2.25 4.90
C PHE B 31 -25.04 -1.09 4.00
N SER B 32 -24.67 0.11 4.44
CA SER B 32 -24.80 1.30 3.62
C SER B 32 -23.90 1.13 2.39
N TRP B 33 -24.08 1.97 1.38
CA TRP B 33 -23.14 1.99 0.26
C TRP B 33 -21.74 2.08 0.85
N TRP B 34 -20.82 1.30 0.31
CA TRP B 34 -19.53 1.14 0.94
C TRP B 34 -18.45 1.20 -0.11
N PRO B 35 -17.39 1.96 0.15
CA PRO B 35 -16.36 2.16 -0.87
C PRO B 35 -15.55 0.89 -1.11
N ALA B 36 -15.14 0.68 -2.36
CA ALA B 36 -14.43 -0.53 -2.70
C ALA B 36 -13.67 -0.36 -4.00
N MET B 37 -12.86 -1.35 -4.33
CA MET B 37 -12.17 -1.37 -5.60
C MET B 37 -12.49 -2.68 -6.31
N VAL B 38 -12.82 -2.57 -7.59
CA VAL B 38 -13.01 -3.77 -8.41
C VAL B 38 -11.67 -4.46 -8.57
N VAL B 39 -11.65 -5.78 -8.32
CA VAL B 39 -10.42 -6.55 -8.43
C VAL B 39 -10.62 -7.76 -9.31
N SER B 40 -9.52 -8.37 -9.74
CA SER B 40 -9.59 -9.62 -10.49
C SER B 40 -9.96 -10.73 -9.53
N TRP B 41 -10.67 -11.75 -10.01
CA TRP B 41 -10.98 -12.90 -9.14
C TRP B 41 -9.71 -13.57 -8.64
N LYS B 42 -8.62 -13.38 -9.38
CA LYS B 42 -7.33 -13.98 -9.00
C LYS B 42 -6.75 -13.37 -7.73
N ALA B 43 -7.14 -12.12 -7.43
CA ALA B 43 -6.67 -11.47 -6.21
C ALA B 43 -7.42 -12.01 -4.99
N THR B 44 -8.55 -12.65 -5.23
CA THR B 44 -9.48 -13.01 -4.16
C THR B 44 -9.14 -14.30 -3.45
N SER B 45 -8.36 -15.16 -4.12
CA SER B 45 -8.14 -16.53 -3.68
C SER B 45 -9.45 -17.33 -3.56
N LYS B 46 -10.47 -16.92 -4.31
CA LYS B 46 -11.76 -17.58 -4.23
C LYS B 46 -12.16 -18.29 -5.53
N ARG B 47 -12.80 -17.59 -6.44
CA ARG B 47 -13.35 -18.25 -7.62
C ARG B 47 -13.68 -17.20 -8.66
N GLN B 48 -13.81 -17.61 -9.92
CA GLN B 48 -14.25 -16.64 -10.92
C GLN B 48 -15.63 -16.12 -10.54
N ALA B 49 -15.88 -14.86 -10.85
CA ALA B 49 -17.17 -14.24 -10.62
C ALA B 49 -18.16 -14.76 -11.64
N MET B 50 -19.43 -14.91 -11.24
CA MET B 50 -20.49 -15.28 -12.19
C MET B 50 -20.63 -14.16 -13.19
N SER B 51 -21.06 -14.49 -14.40
CA SER B 51 -21.28 -13.44 -15.41
C SER B 51 -22.22 -12.38 -14.85
N GLY B 52 -21.96 -11.12 -15.17
CA GLY B 52 -22.75 -10.02 -14.64
C GLY B 52 -22.31 -9.58 -13.24
N MET B 53 -21.40 -10.33 -12.64
CA MET B 53 -20.92 -9.97 -11.31
C MET B 53 -19.48 -9.42 -11.34
N ARG B 54 -19.08 -8.82 -10.24
CA ARG B 54 -17.74 -8.26 -10.10
C ARG B 54 -17.26 -8.62 -8.72
N TRP B 55 -15.99 -9.00 -8.61
CA TRP B 55 -15.40 -9.09 -7.30
C TRP B 55 -15.01 -7.68 -6.90
N VAL B 56 -15.34 -7.29 -5.67
CA VAL B 56 -14.87 -6.00 -5.16
C VAL B 56 -14.15 -6.29 -3.86
N GLN B 57 -13.21 -5.43 -3.52
CA GLN B 57 -12.54 -5.56 -2.24
C GLN B 57 -12.88 -4.28 -1.49
N TRP B 58 -13.42 -4.43 -0.30
CA TRP B 58 -13.90 -3.28 0.47
C TRP B 58 -12.75 -2.54 1.14
N PHE B 59 -12.75 -1.22 1.01
CA PHE B 59 -11.79 -0.42 1.76
C PHE B 59 -12.11 -0.52 3.23
N GLY B 60 -11.09 -0.43 4.07
CA GLY B 60 -11.31 -0.54 5.50
C GLY B 60 -11.04 -1.93 6.04
N ASP B 61 -11.66 -2.95 5.48
CA ASP B 61 -11.38 -4.30 5.96
C ASP B 61 -10.71 -5.22 4.93
N GLY B 62 -10.60 -4.76 3.68
CA GLY B 62 -9.87 -5.50 2.66
C GLY B 62 -10.49 -6.82 2.26
N LYS B 63 -11.75 -7.03 2.64
CA LYS B 63 -12.44 -8.28 2.33
C LYS B 63 -13.03 -8.28 0.92
N PHE B 64 -13.32 -9.46 0.39
CA PHE B 64 -13.81 -9.58 -0.99
C PHE B 64 -15.28 -10.02 -1.03
N SER B 65 -16.04 -9.42 -1.94
CA SER B 65 -17.44 -9.80 -2.17
C SER B 65 -17.68 -9.82 -3.65
N GLU B 66 -18.50 -10.77 -4.09
CA GLU B 66 -18.98 -10.82 -5.46
C GLU B 66 -20.28 -10.04 -5.48
N VAL B 67 -20.32 -8.98 -6.28
CA VAL B 67 -21.42 -8.06 -6.28
C VAL B 67 -21.83 -7.87 -7.71
N SER B 68 -23.13 -7.73 -7.92
CA SER B 68 -23.65 -7.49 -9.25
C SER B 68 -23.14 -6.16 -9.75
N ALA B 69 -22.66 -6.12 -10.99
CA ALA B 69 -22.23 -4.88 -11.61
C ALA B 69 -23.32 -3.80 -11.55
N ASP B 70 -24.58 -4.24 -11.41
CA ASP B 70 -25.74 -3.35 -11.35
C ASP B 70 -25.98 -2.74 -9.97
N LYS B 71 -25.24 -3.20 -8.98
CA LYS B 71 -25.28 -2.63 -7.64
C LYS B 71 -23.94 -1.96 -7.28
N LEU B 72 -23.29 -1.42 -8.32
CA LEU B 72 -22.04 -0.67 -8.18
C LEU B 72 -22.20 0.69 -8.84
N VAL B 73 -21.66 1.72 -8.20
CA VAL B 73 -21.63 3.06 -8.79
C VAL B 73 -20.21 3.62 -8.65
N ALA B 74 -19.83 4.53 -9.53
CA ALA B 74 -18.50 5.14 -9.46
C ALA B 74 -18.31 5.84 -8.12
N LEU B 75 -17.14 5.66 -7.51
CA LEU B 75 -16.82 6.35 -6.26
C LEU B 75 -16.96 7.84 -6.49
N GLY B 76 -16.62 8.28 -7.69
CA GLY B 76 -16.82 9.67 -8.08
C GLY B 76 -18.19 10.27 -7.80
N LEU B 77 -19.23 9.45 -7.78
CA LEU B 77 -20.53 9.95 -7.35
C LEU B 77 -20.51 9.99 -5.84
N PHE B 78 -19.67 10.87 -5.29
CA PHE B 78 -19.30 10.79 -3.89
C PHE B 78 -20.36 11.23 -2.91
N SER B 79 -20.74 12.50 -2.97
CA SER B 79 -21.70 13.04 -2.02
C SER B 79 -23.05 12.33 -2.09
N GLN B 80 -23.39 11.84 -3.28
CA GLN B 80 -24.66 11.12 -3.43
C GLN B 80 -24.72 9.86 -2.57
N HIS B 81 -23.59 9.17 -2.46
CA HIS B 81 -23.59 7.87 -1.79
C HIS B 81 -22.90 7.86 -0.43
N PHE B 82 -22.10 8.88 -0.15
CA PHE B 82 -21.57 9.04 1.21
C PHE B 82 -22.74 9.12 2.17
N ASN B 83 -22.65 8.41 3.29
CA ASN B 83 -23.75 8.36 4.25
C ASN B 83 -23.31 8.95 5.59
N LEU B 84 -23.73 10.19 5.87
CA LEU B 84 -23.23 10.92 7.03
C LEU B 84 -23.54 10.20 8.33
N ALA B 85 -24.75 9.69 8.46
CA ALA B 85 -25.16 9.01 9.68
C ALA B 85 -24.29 7.77 9.94
N THR B 86 -24.07 6.96 8.90
CA THR B 86 -23.19 5.80 9.05
C THR B 86 -21.81 6.27 9.46
N PHE B 87 -21.33 7.33 8.81
CA PHE B 87 -20.01 7.87 9.12
C PHE B 87 -19.91 8.23 10.60
N ASN B 88 -20.97 8.80 11.17
CA ASN B 88 -20.91 9.17 12.58
C ASN B 88 -21.10 7.96 13.49
N LYS B 89 -21.89 6.99 13.06
CA LYS B 89 -22.15 5.77 13.85
C LYS B 89 -20.97 4.80 13.89
N LEU B 90 -20.40 4.47 12.73
CA LEU B 90 -19.41 3.39 12.61
C LEU B 90 -18.00 3.87 12.34
N VAL B 91 -17.08 3.61 13.26
CA VAL B 91 -15.66 3.88 13.04
C VAL B 91 -15.10 3.07 11.86
N SER B 92 -15.69 1.88 11.61
CA SER B 92 -15.26 1.07 10.47
C SER B 92 -15.53 1.81 9.16
N TYR B 93 -16.69 2.49 9.09
CA TYR B 93 -17.03 3.29 7.91
C TYR B 93 -16.06 4.46 7.75
N ARG B 94 -15.69 5.13 8.84
CA ARG B 94 -14.73 6.24 8.74
C ARG B 94 -13.37 5.76 8.26
N LYS B 95 -12.92 4.63 8.80
CA LYS B 95 -11.67 4.04 8.33
C LYS B 95 -11.77 3.64 6.85
N ALA B 96 -12.89 3.03 6.49
CA ALA B 96 -13.13 2.70 5.09
C ALA B 96 -13.00 3.95 4.21
N MET B 97 -13.63 5.05 4.65
CA MET B 97 -13.54 6.30 3.90
C MET B 97 -12.10 6.80 3.80
N TYR B 98 -11.37 6.68 4.90
CA TYR B 98 -9.98 7.14 4.86
C TYR B 98 -9.20 6.38 3.80
N HIS B 99 -9.25 5.05 3.88
CA HIS B 99 -8.46 4.24 2.94
C HIS B 99 -8.89 4.42 1.49
N ALA B 100 -10.20 4.58 1.26
CA ALA B 100 -10.69 4.78 -0.10
C ALA B 100 -10.23 6.12 -0.65
N LEU B 101 -10.36 7.18 0.15
CA LEU B 101 -9.91 8.50 -0.29
C LEU B 101 -8.38 8.61 -0.38
N GLU B 102 -7.69 7.85 0.46
CA GLU B 102 -6.23 7.79 0.37
C GLU B 102 -5.79 7.24 -0.98
N LYS B 103 -6.47 6.19 -1.46
CA LYS B 103 -6.18 5.64 -2.78
C LYS B 103 -6.56 6.63 -3.87
N ALA B 104 -7.73 7.26 -3.70
CA ALA B 104 -8.20 8.31 -4.60
C ALA B 104 -7.18 9.42 -4.70
N ARG B 105 -6.67 9.82 -3.53
CA ARG B 105 -5.68 10.89 -3.44
C ARG B 105 -4.44 10.60 -4.28
N VAL B 106 -3.84 9.44 -4.03
CA VAL B 106 -2.61 9.05 -4.70
C VAL B 106 -2.79 8.95 -6.22
N ARG B 107 -3.94 8.43 -6.64
CA ARG B 107 -4.21 8.33 -8.06
C ARG B 107 -4.39 9.70 -8.69
N ALA B 108 -4.91 10.63 -7.91
CA ALA B 108 -5.22 11.97 -8.39
C ALA B 108 -4.07 12.95 -8.16
N GLY B 109 -2.87 12.43 -7.95
CA GLY B 109 -1.69 13.24 -7.64
C GLY B 109 -2.01 14.35 -6.65
N LYS B 110 -2.79 14.00 -5.63
CA LYS B 110 -3.33 14.99 -4.73
C LYS B 110 -2.48 15.18 -3.48
N THR B 111 -2.49 16.41 -2.97
CA THR B 111 -1.68 16.79 -1.82
C THR B 111 -2.55 17.42 -0.75
N PHE B 112 -2.37 16.98 0.50
CA PHE B 112 -3.01 17.62 1.65
C PHE B 112 -1.94 17.96 2.70
N PRO B 113 -2.26 18.91 3.61
CA PRO B 113 -1.41 19.15 4.77
C PRO B 113 -1.22 17.88 5.61
N SER B 119 -3.98 12.03 13.22
CA SER B 119 -5.27 11.50 13.66
C SER B 119 -6.14 11.04 12.48
N LEU B 120 -7.17 10.23 12.78
CA LEU B 120 -8.08 9.74 11.75
C LEU B 120 -8.95 10.87 11.16
N GLU B 121 -9.83 11.42 11.99
CA GLU B 121 -10.72 12.49 11.56
C GLU B 121 -9.95 13.74 11.13
N ASP B 122 -8.71 13.88 11.58
CA ASP B 122 -7.88 15.01 11.18
C ASP B 122 -7.46 14.90 9.71
N GLN B 123 -6.98 13.73 9.31
CA GLN B 123 -6.59 13.51 7.93
C GLN B 123 -7.81 13.47 7.02
N LEU B 124 -8.91 12.96 7.56
CA LEU B 124 -10.15 12.83 6.79
C LEU B 124 -10.71 14.17 6.35
N LYS B 125 -10.65 15.18 7.23
CA LYS B 125 -11.25 16.49 6.95
C LYS B 125 -10.92 17.08 5.56
N PRO B 126 -9.63 17.25 5.21
CA PRO B 126 -9.39 17.78 3.87
C PRO B 126 -9.70 16.77 2.77
N MET B 127 -9.68 15.47 3.09
CA MET B 127 -10.00 14.44 2.11
C MET B 127 -11.47 14.52 1.73
N LEU B 128 -12.33 14.52 2.74
CA LEU B 128 -13.76 14.61 2.55
C LEU B 128 -14.15 15.88 1.81
N GLU B 129 -13.60 17.02 2.25
CA GLU B 129 -13.84 18.28 1.57
C GLU B 129 -13.46 18.19 0.10
N TRP B 130 -12.30 17.61 -0.18
CA TRP B 130 -11.85 17.41 -1.56
C TRP B 130 -12.82 16.51 -2.35
N ALA B 131 -13.41 15.54 -1.66
CA ALA B 131 -14.31 14.60 -2.31
C ALA B 131 -15.66 15.25 -2.57
N HIS B 132 -16.27 15.79 -1.52
CA HIS B 132 -17.55 16.49 -1.63
C HIS B 132 -17.49 17.64 -2.65
N GLY B 133 -16.28 18.12 -2.97
CA GLY B 133 -16.08 19.24 -3.87
C GLY B 133 -15.78 18.86 -5.31
N GLY B 134 -15.83 17.57 -5.61
CA GLY B 134 -15.68 17.13 -6.98
C GLY B 134 -14.29 16.69 -7.38
N PHE B 135 -13.44 16.43 -6.38
CA PHE B 135 -12.08 15.94 -6.63
C PHE B 135 -11.26 16.87 -7.54
N LYS B 136 -11.38 18.18 -7.29
CA LYS B 136 -10.65 19.19 -8.05
C LYS B 136 -9.17 19.20 -7.66
N PRO B 137 -8.27 19.43 -8.65
CA PRO B 137 -8.51 19.90 -10.02
C PRO B 137 -8.64 18.78 -11.05
N THR B 138 -8.31 17.56 -10.65
CA THR B 138 -8.31 16.43 -11.57
C THR B 138 -9.72 16.04 -12.02
N GLY B 139 -10.71 16.29 -11.17
CA GLY B 139 -12.04 15.76 -11.38
C GLY B 139 -12.03 14.26 -11.17
N ILE B 140 -13.08 13.57 -11.63
CA ILE B 140 -13.18 12.11 -11.46
C ILE B 140 -12.05 11.38 -12.20
N GLU B 141 -11.60 11.96 -13.30
CA GLU B 141 -10.51 11.43 -14.12
C GLU B 141 -9.32 10.98 -13.27
N GLY B 142 -9.04 11.72 -12.20
CA GLY B 142 -7.94 11.42 -11.32
C GLY B 142 -8.11 10.16 -10.48
N LEU B 143 -9.30 9.56 -10.51
CA LEU B 143 -9.57 8.36 -9.72
C LEU B 143 -9.38 7.08 -10.51
N LYS B 144 -9.22 7.21 -11.82
CA LYS B 144 -9.06 6.05 -12.70
C LYS B 144 -7.74 5.33 -12.47
N PRO B 145 -7.70 4.02 -12.74
CA PRO B 145 -6.46 3.24 -12.64
C PRO B 145 -5.39 3.80 -13.58
#